data_6ZZA
#
_entry.id   6ZZA
#
_cell.length_a   93.830
_cell.length_b   93.830
_cell.length_c   33.600
_cell.angle_alpha   90.000
_cell.angle_beta   90.000
_cell.angle_gamma   120.000
#
_symmetry.space_group_name_H-M   'P 31 2 1'
#
loop_
_entity.id
_entity.type
_entity.pdbx_description
1 polymer 'CBS domain-containing protein'
2 non-polymer "(2R,3R,3aS,5R,7aR,9R,10R,10aS,12R,14aR)-2,9-bis(6-amino-9H-purin-9-yl)octahydro-2H,7H-difuro[3,2-d:3',2'-j][1,3,7,9,2,8 ]tetraoxadiphosphacyclododecine-3,5,10,12-tetrol 5,12-dioxide"
3 non-polymer 'SULFATE ION'
4 water water
#
_entity_poly.entity_id   1
_entity_poly.type   'polypeptide(L)'
_entity_poly.pdbx_seq_one_letter_code
;MGSSHHHHHHSSGLVPRGSQIAKEFESFLLSHLDHYLIPAEDVAIFVDTHNADHVMLLLASNGFSRVPVITKEKKYVGTI
SISDIMAYQSKGQLTDWEMAQTDIVEMVNTKIEPINEAATLTAIMHKIVDYPFLPVISDQNDFRGIITRKSILKAINSLL
HDFTDEYTITPKNNDK
;
_entity_poly.pdbx_strand_id   A
#
# COMPACT_ATOMS: atom_id res chain seq x y z
N GLY A 18 32.58 15.86 -0.93
CA GLY A 18 31.76 17.07 -0.91
C GLY A 18 30.89 17.24 -2.13
N SER A 19 31.50 17.19 -3.33
CA SER A 19 30.84 17.36 -4.62
C SER A 19 29.84 16.24 -4.98
N GLN A 20 30.32 14.98 -5.08
CA GLN A 20 29.56 13.77 -5.45
C GLN A 20 28.41 13.44 -4.49
N ILE A 21 28.51 13.92 -3.23
CA ILE A 21 27.54 13.75 -2.14
C ILE A 21 26.19 14.44 -2.46
N ALA A 22 26.25 15.74 -2.83
CA ALA A 22 25.09 16.59 -3.13
C ALA A 22 24.31 16.16 -4.38
N LYS A 23 25.02 15.71 -5.44
CA LYS A 23 24.38 15.26 -6.69
C LYS A 23 23.64 13.94 -6.49
N GLU A 24 24.17 13.04 -5.63
CA GLU A 24 23.51 11.77 -5.29
C GLU A 24 22.17 12.01 -4.64
N PHE A 25 22.03 13.13 -3.90
CA PHE A 25 20.81 13.59 -3.27
C PHE A 25 19.86 14.26 -4.25
N GLU A 26 20.41 14.96 -5.28
CA GLU A 26 19.61 15.58 -6.34
C GLU A 26 18.98 14.44 -7.15
N SER A 27 19.80 13.42 -7.53
CA SER A 27 19.36 12.23 -8.25
C SER A 27 18.41 11.38 -7.41
N PHE A 28 18.47 11.52 -6.07
CA PHE A 28 17.56 10.82 -5.17
C PHE A 28 16.23 11.59 -5.12
N LEU A 29 16.26 12.87 -4.74
CA LEU A 29 15.08 13.74 -4.62
C LEU A 29 14.27 13.90 -5.90
N LEU A 30 14.94 13.93 -7.07
CA LEU A 30 14.28 14.09 -8.37
C LEU A 30 14.03 12.74 -9.07
N SER A 31 14.23 11.62 -8.34
CA SER A 31 14.01 10.28 -8.91
C SER A 31 12.54 9.94 -9.01
N HIS A 32 12.24 9.02 -9.93
CA HIS A 32 10.91 8.52 -10.25
C HIS A 32 10.38 7.61 -9.14
N LEU A 33 9.06 7.63 -8.94
CA LEU A 33 8.33 6.84 -7.94
C LEU A 33 8.46 5.33 -8.22
N ASP A 34 8.49 4.93 -9.49
CA ASP A 34 8.57 3.53 -9.93
C ASP A 34 9.85 2.81 -9.49
N HIS A 35 10.84 3.53 -8.96
CA HIS A 35 12.08 2.97 -8.45
C HIS A 35 11.84 2.32 -7.08
N TYR A 36 10.82 2.79 -6.35
CA TYR A 36 10.51 2.39 -4.98
C TYR A 36 9.20 1.61 -4.82
N LEU A 37 8.50 1.44 -5.92
CA LEU A 37 7.22 0.76 -6.04
C LEU A 37 7.36 -0.75 -5.89
N ILE A 38 6.40 -1.37 -5.19
CA ILE A 38 6.26 -2.82 -5.12
C ILE A 38 5.15 -3.01 -6.15
N PRO A 39 5.46 -3.50 -7.39
CA PRO A 39 4.42 -3.61 -8.44
C PRO A 39 3.18 -4.33 -8.01
N ALA A 40 2.04 -4.00 -8.61
CA ALA A 40 0.74 -4.61 -8.32
C ALA A 40 0.74 -6.16 -8.28
N GLU A 41 1.51 -6.84 -9.14
CA GLU A 41 1.59 -8.30 -9.19
C GLU A 41 2.04 -8.92 -7.86
N ASP A 42 2.98 -8.24 -7.17
CA ASP A 42 3.68 -8.61 -5.93
C ASP A 42 3.01 -8.12 -4.66
N VAL A 43 1.87 -7.46 -4.82
CA VAL A 43 1.04 -6.94 -3.74
C VAL A 43 -0.12 -7.93 -3.53
N ALA A 44 -0.27 -8.43 -2.28
CA ALA A 44 -1.37 -9.30 -1.87
C ALA A 44 -2.55 -8.35 -1.72
N ILE A 45 -3.58 -8.58 -2.54
CA ILE A 45 -4.80 -7.76 -2.63
C ILE A 45 -6.05 -8.61 -2.43
N PHE A 46 -7.21 -7.94 -2.34
CA PHE A 46 -8.50 -8.60 -2.34
C PHE A 46 -9.40 -8.03 -3.39
N VAL A 47 -10.12 -8.90 -4.10
CA VAL A 47 -11.10 -8.46 -5.08
C VAL A 47 -12.34 -8.12 -4.25
N ASP A 48 -12.90 -6.92 -4.46
CA ASP A 48 -14.06 -6.39 -3.72
C ASP A 48 -15.27 -7.34 -3.65
N THR A 49 -15.42 -8.28 -4.60
CA THR A 49 -16.55 -9.22 -4.64
C THR A 49 -16.31 -10.56 -3.88
N HIS A 50 -15.07 -10.83 -3.38
CA HIS A 50 -14.74 -12.04 -2.62
C HIS A 50 -15.44 -12.06 -1.26
N ASN A 51 -15.76 -13.26 -0.71
CA ASN A 51 -16.45 -13.32 0.57
C ASN A 51 -15.56 -12.92 1.75
N ALA A 52 -16.17 -12.27 2.76
CA ALA A 52 -15.51 -11.76 3.95
C ALA A 52 -14.86 -12.82 4.86
N ASP A 53 -15.47 -14.03 4.96
CA ASP A 53 -14.93 -15.13 5.79
C ASP A 53 -13.57 -15.66 5.27
N HIS A 54 -13.44 -15.82 3.95
CA HIS A 54 -12.21 -16.29 3.32
C HIS A 54 -11.13 -15.20 3.35
N VAL A 55 -11.53 -13.91 3.39
CA VAL A 55 -10.61 -12.76 3.47
C VAL A 55 -9.97 -12.76 4.84
N MET A 56 -10.78 -13.04 5.88
CA MET A 56 -10.29 -13.15 7.24
C MET A 56 -9.29 -14.33 7.29
N LEU A 57 -9.57 -15.40 6.51
CA LEU A 57 -8.73 -16.59 6.39
C LEU A 57 -7.40 -16.29 5.67
N LEU A 58 -7.44 -15.64 4.49
CA LEU A 58 -6.25 -15.28 3.71
C LEU A 58 -5.34 -14.29 4.43
N LEU A 59 -5.94 -13.33 5.17
CA LEU A 59 -5.19 -12.34 5.94
C LEU A 59 -4.37 -12.99 7.05
N ALA A 60 -4.82 -14.17 7.54
CA ALA A 60 -4.11 -14.93 8.56
C ALA A 60 -2.97 -15.77 7.94
N SER A 61 -3.05 -16.04 6.62
CA SER A 61 -2.06 -16.81 5.87
C SER A 61 -0.96 -15.91 5.25
N ASN A 62 -1.34 -14.73 4.71
CA ASN A 62 -0.37 -13.78 4.13
C ASN A 62 0.43 -13.04 5.23
N GLY A 63 -0.22 -12.83 6.39
CA GLY A 63 0.33 -12.18 7.56
C GLY A 63 0.35 -10.66 7.56
N PHE A 64 -0.13 -10.01 6.48
CA PHE A 64 -0.15 -8.55 6.40
C PHE A 64 -1.27 -7.94 7.23
N SER A 65 -0.95 -6.91 8.03
CA SER A 65 -1.97 -6.26 8.85
C SER A 65 -3.05 -5.53 8.02
N ARG A 66 -2.66 -4.92 6.89
CA ARG A 66 -3.57 -4.19 6.01
C ARG A 66 -3.16 -4.34 4.55
N VAL A 67 -4.10 -4.74 3.66
CA VAL A 67 -3.84 -4.94 2.23
C VAL A 67 -4.81 -4.14 1.32
N PRO A 68 -4.41 -3.77 0.06
CA PRO A 68 -5.35 -3.08 -0.85
C PRO A 68 -6.52 -3.93 -1.38
N VAL A 69 -7.64 -3.28 -1.70
CA VAL A 69 -8.85 -3.89 -2.28
C VAL A 69 -9.02 -3.26 -3.65
N ILE A 70 -9.11 -4.11 -4.68
CA ILE A 70 -9.27 -3.72 -6.09
C ILE A 70 -10.50 -4.41 -6.71
N THR A 71 -10.96 -3.91 -7.89
CA THR A 71 -12.05 -4.51 -8.66
C THR A 71 -11.44 -5.54 -9.63
N LYS A 72 -12.29 -6.26 -10.38
CA LYS A 72 -11.90 -7.24 -11.39
C LYS A 72 -11.13 -6.58 -12.56
N GLU A 73 -11.37 -5.27 -12.80
CA GLU A 73 -10.73 -4.45 -13.85
C GLU A 73 -9.42 -3.83 -13.33
N LYS A 74 -9.01 -4.20 -12.09
CA LYS A 74 -7.81 -3.74 -11.37
C LYS A 74 -7.93 -2.22 -10.97
N LYS A 75 -9.16 -1.75 -10.68
CA LYS A 75 -9.38 -0.38 -10.22
C LYS A 75 -9.26 -0.32 -8.69
N TYR A 76 -8.61 0.73 -8.15
CA TYR A 76 -8.45 0.85 -6.71
C TYR A 76 -9.76 1.22 -5.99
N VAL A 77 -10.05 0.50 -4.89
CA VAL A 77 -11.23 0.67 -4.06
C VAL A 77 -10.83 1.23 -2.68
N GLY A 78 -10.00 0.49 -1.96
CA GLY A 78 -9.53 0.87 -0.64
C GLY A 78 -8.63 -0.18 -0.05
N THR A 79 -8.69 -0.36 1.29
CA THR A 79 -7.85 -1.31 2.00
C THR A 79 -8.70 -2.07 3.02
N ILE A 80 -8.20 -3.25 3.46
CA ILE A 80 -8.87 -4.09 4.45
C ILE A 80 -7.88 -4.66 5.47
N SER A 81 -8.35 -4.89 6.69
CA SER A 81 -7.63 -5.51 7.80
C SER A 81 -8.61 -6.42 8.51
N ILE A 82 -8.13 -7.30 9.40
CA ILE A 82 -9.03 -8.18 10.17
C ILE A 82 -9.88 -7.33 11.11
N SER A 83 -9.32 -6.22 11.66
CA SER A 83 -10.04 -5.28 12.53
C SER A 83 -11.28 -4.72 11.83
N ASP A 84 -11.13 -4.27 10.56
CA ASP A 84 -12.22 -3.74 9.73
C ASP A 84 -13.38 -4.74 9.59
N ILE A 85 -13.07 -6.04 9.38
CA ILE A 85 -13.99 -7.16 9.24
C ILE A 85 -14.73 -7.40 10.57
N MET A 86 -13.99 -7.30 11.69
CA MET A 86 -14.51 -7.52 13.04
C MET A 86 -15.42 -6.39 13.48
N ALA A 87 -15.06 -5.13 13.15
CA ALA A 87 -15.82 -3.93 13.44
C ALA A 87 -17.18 -3.96 12.72
N TYR A 88 -17.21 -4.46 11.46
CA TYR A 88 -18.41 -4.59 10.63
C TYR A 88 -19.35 -5.67 11.19
N GLN A 89 -18.79 -6.85 11.55
CA GLN A 89 -19.53 -7.99 12.08
C GLN A 89 -20.21 -7.61 13.41
N SER A 90 -19.50 -6.89 14.32
CA SER A 90 -20.06 -6.46 15.60
C SER A 90 -21.04 -5.28 15.47
N LYS A 91 -20.76 -4.33 14.56
CA LYS A 91 -21.63 -3.17 14.33
C LYS A 91 -22.94 -3.55 13.66
N GLY A 92 -22.91 -4.62 12.85
CA GLY A 92 -24.08 -5.15 12.17
C GLY A 92 -24.69 -6.36 12.84
N GLN A 93 -24.08 -6.81 13.97
CA GLN A 93 -24.46 -7.99 14.78
C GLN A 93 -24.55 -9.31 13.97
N LEU A 94 -23.98 -9.32 12.73
CA LEU A 94 -23.95 -10.45 11.78
C LEU A 94 -23.34 -11.72 12.34
N THR A 95 -23.85 -12.87 11.89
CA THR A 95 -23.37 -14.20 12.28
C THR A 95 -22.18 -14.58 11.39
N ASP A 96 -21.44 -15.63 11.79
CA ASP A 96 -20.27 -16.13 11.08
C ASP A 96 -20.64 -16.58 9.66
N TRP A 97 -21.78 -17.28 9.52
CA TRP A 97 -22.29 -17.77 8.25
C TRP A 97 -22.71 -16.63 7.33
N GLU A 98 -23.30 -15.55 7.91
CA GLU A 98 -23.76 -14.36 7.19
C GLU A 98 -22.60 -13.63 6.53
N MET A 99 -21.43 -13.62 7.20
CA MET A 99 -20.18 -13.00 6.75
C MET A 99 -19.63 -13.71 5.50
N ALA A 100 -19.80 -15.05 5.43
CA ALA A 100 -19.36 -15.88 4.30
C ALA A 100 -20.24 -15.68 3.05
N GLN A 101 -21.36 -14.93 3.20
CA GLN A 101 -22.33 -14.65 2.13
C GLN A 101 -22.32 -13.16 1.73
N THR A 102 -21.39 -12.37 2.33
CA THR A 102 -21.21 -10.93 2.13
C THR A 102 -19.85 -10.66 1.45
N ASP A 103 -19.81 -9.70 0.50
CA ASP A 103 -18.55 -9.32 -0.14
C ASP A 103 -17.83 -8.20 0.65
N ILE A 104 -16.52 -8.00 0.40
CA ILE A 104 -15.65 -7.05 1.12
C ILE A 104 -16.09 -5.58 0.97
N VAL A 105 -16.59 -5.17 -0.22
CA VAL A 105 -17.08 -3.80 -0.53
C VAL A 105 -17.71 -3.10 0.68
N GLU A 106 -18.59 -3.85 1.39
CA GLU A 106 -19.35 -3.42 2.56
C GLU A 106 -18.50 -2.89 3.71
N MET A 107 -17.35 -3.53 3.97
CA MET A 107 -16.45 -3.21 5.08
C MET A 107 -15.07 -2.64 4.68
N VAL A 108 -14.92 -2.22 3.42
CA VAL A 108 -13.68 -1.65 2.88
C VAL A 108 -13.35 -0.29 3.55
N ASN A 109 -12.08 -0.11 3.95
CA ASN A 109 -11.61 1.15 4.55
C ASN A 109 -11.18 2.09 3.41
N THR A 110 -11.64 3.37 3.47
CA THR A 110 -11.34 4.37 2.44
C THR A 110 -10.56 5.60 2.99
N LYS A 111 -9.98 5.47 4.20
CA LYS A 111 -9.25 6.55 4.88
C LYS A 111 -7.90 6.91 4.25
N ILE A 112 -7.16 5.90 3.73
CA ILE A 112 -5.86 6.12 3.07
C ILE A 112 -6.11 6.64 1.65
N GLU A 113 -5.65 7.86 1.39
CA GLU A 113 -5.79 8.51 0.09
C GLU A 113 -4.64 8.02 -0.80
N PRO A 114 -4.94 7.38 -1.94
CA PRO A 114 -3.84 6.87 -2.79
C PRO A 114 -3.05 7.98 -3.45
N ILE A 115 -1.76 7.72 -3.74
CA ILE A 115 -0.87 8.66 -4.42
C ILE A 115 -0.80 8.35 -5.91
N ASN A 116 -0.72 9.40 -6.76
CA ASN A 116 -0.60 9.25 -8.20
C ASN A 116 0.79 8.69 -8.55
N GLU A 117 0.89 7.91 -9.64
CA GLU A 117 2.18 7.34 -10.06
C GLU A 117 3.20 8.42 -10.49
N ALA A 118 2.72 9.65 -10.70
CA ALA A 118 3.53 10.80 -11.10
C ALA A 118 4.06 11.59 -9.89
N ALA A 119 3.69 11.16 -8.66
CA ALA A 119 4.08 11.78 -7.40
C ALA A 119 5.59 11.90 -7.20
N THR A 120 6.02 13.05 -6.68
CA THR A 120 7.41 13.37 -6.38
C THR A 120 7.87 12.56 -5.18
N LEU A 121 9.19 12.26 -5.08
CA LEU A 121 9.75 11.56 -3.94
C LEU A 121 9.67 12.42 -2.65
N THR A 122 9.72 13.77 -2.78
CA THR A 122 9.57 14.71 -1.65
C THR A 122 8.15 14.56 -1.10
N ALA A 123 7.16 14.49 -2.01
CA ALA A 123 5.75 14.27 -1.70
C ALA A 123 5.54 12.90 -1.04
N ILE A 124 6.36 11.88 -1.44
CA ILE A 124 6.34 10.54 -0.84
C ILE A 124 6.83 10.61 0.62
N MET A 125 8.01 11.25 0.83
CA MET A 125 8.67 11.46 2.12
C MET A 125 7.75 12.04 3.17
N HIS A 126 6.99 13.08 2.81
CA HIS A 126 6.05 13.76 3.68
C HIS A 126 4.81 12.92 3.99
N LYS A 127 4.40 12.02 3.08
CA LYS A 127 3.21 11.19 3.29
C LYS A 127 3.49 9.86 4.00
N ILE A 128 4.62 9.23 3.67
CA ILE A 128 5.08 7.95 4.22
C ILE A 128 5.44 8.06 5.73
N VAL A 129 5.56 9.29 6.30
CA VAL A 129 5.82 9.46 7.74
C VAL A 129 4.56 9.08 8.59
N ASP A 130 3.35 9.22 8.01
CA ASP A 130 2.11 8.90 8.71
C ASP A 130 1.52 7.55 8.28
N TYR A 131 2.00 7.00 7.16
CA TYR A 131 1.50 5.74 6.61
C TYR A 131 2.52 4.63 6.42
N PRO A 132 2.36 3.44 7.07
CA PRO A 132 3.26 2.31 6.80
C PRO A 132 3.41 1.99 5.28
N PHE A 133 2.34 2.22 4.49
CA PHE A 133 2.33 2.06 3.03
C PHE A 133 1.30 2.99 2.38
N LEU A 134 1.54 3.35 1.10
CA LEU A 134 0.64 4.15 0.26
C LEU A 134 0.27 3.35 -0.99
N PRO A 135 -1.03 3.25 -1.35
CA PRO A 135 -1.39 2.58 -2.60
C PRO A 135 -1.21 3.57 -3.77
N VAL A 136 -0.57 3.12 -4.84
CA VAL A 136 -0.26 3.95 -6.02
C VAL A 136 -1.27 3.72 -7.12
N ILE A 137 -1.84 4.84 -7.64
CA ILE A 137 -2.82 4.79 -8.72
C ILE A 137 -2.38 5.59 -9.97
N SER A 138 -3.02 5.28 -11.13
CA SER A 138 -2.85 6.00 -12.38
C SER A 138 -3.91 7.13 -12.37
N ASP A 139 -3.95 7.98 -13.43
CA ASP A 139 -4.94 9.06 -13.58
C ASP A 139 -6.36 8.50 -13.80
N GLN A 140 -6.45 7.23 -14.23
CA GLN A 140 -7.70 6.52 -14.52
C GLN A 140 -8.10 5.57 -13.36
N ASN A 141 -7.51 5.75 -12.15
CA ASN A 141 -7.72 4.97 -10.92
C ASN A 141 -7.29 3.47 -11.05
N ASP A 142 -6.31 3.16 -11.93
CA ASP A 142 -5.78 1.80 -12.05
C ASP A 142 -4.78 1.61 -10.92
N PHE A 143 -4.82 0.45 -10.24
CA PHE A 143 -3.92 0.14 -9.15
C PHE A 143 -2.55 -0.26 -9.69
N ARG A 144 -1.49 0.49 -9.32
CA ARG A 144 -0.14 0.27 -9.82
C ARG A 144 0.79 -0.46 -8.85
N GLY A 145 0.42 -0.48 -7.57
CA GLY A 145 1.19 -1.13 -6.52
C GLY A 145 1.22 -0.31 -5.26
N ILE A 146 2.30 -0.43 -4.46
CA ILE A 146 2.43 0.29 -3.18
C ILE A 146 3.84 0.78 -2.92
N ILE A 147 3.96 1.85 -2.12
CA ILE A 147 5.19 2.42 -1.62
C ILE A 147 5.15 2.09 -0.13
N THR A 148 6.10 1.30 0.33
CA THR A 148 6.19 0.93 1.74
C THR A 148 7.29 1.78 2.39
N ARG A 149 7.27 1.88 3.72
CA ARG A 149 8.29 2.59 4.49
C ARG A 149 9.61 1.81 4.39
N LYS A 150 9.55 0.47 4.38
CA LYS A 150 10.72 -0.40 4.20
C LYS A 150 11.46 -0.08 2.88
N SER A 151 10.71 0.15 1.77
CA SER A 151 11.30 0.48 0.45
C SER A 151 12.11 1.78 0.48
N ILE A 152 11.56 2.81 1.16
CA ILE A 152 12.15 4.13 1.29
C ILE A 152 13.36 4.05 2.21
N LEU A 153 13.20 3.36 3.34
CA LEU A 153 14.27 3.12 4.31
C LEU A 153 15.44 2.37 3.67
N LYS A 154 15.16 1.38 2.79
CA LYS A 154 16.24 0.67 2.06
C LYS A 154 17.01 1.61 1.09
N ALA A 155 16.27 2.50 0.42
CA ALA A 155 16.82 3.50 -0.50
C ALA A 155 17.72 4.51 0.21
N ILE A 156 17.34 4.94 1.43
CA ILE A 156 18.12 5.85 2.28
C ILE A 156 19.44 5.15 2.70
N ASN A 157 19.37 3.85 3.05
CA ASN A 157 20.52 3.05 3.45
C ASN A 157 21.52 2.85 2.33
N SER A 158 21.07 2.64 1.08
CA SER A 158 21.96 2.52 -0.10
C SER A 158 22.72 3.84 -0.33
N LEU A 159 22.03 4.97 -0.12
CA LEU A 159 22.55 6.31 -0.25
C LEU A 159 23.63 6.59 0.79
N LEU A 160 23.37 6.26 2.07
CA LEU A 160 24.31 6.41 3.16
C LEU A 160 25.52 5.50 2.96
N HIS A 161 25.29 4.30 2.37
CA HIS A 161 26.33 3.33 2.02
C HIS A 161 27.36 3.95 1.05
N ASP A 162 26.88 4.85 0.16
CA ASP A 162 27.70 5.56 -0.84
C ASP A 162 28.53 6.72 -0.26
N PHE A 163 28.09 7.32 0.88
CA PHE A 163 28.79 8.44 1.50
C PHE A 163 29.79 8.01 2.52
N THR A 164 29.70 6.74 2.96
CA THR A 164 30.64 6.15 3.90
C THR A 164 31.88 5.68 3.12
N ASP A 165 31.78 5.62 1.76
CA ASP A 165 32.85 5.27 0.83
C ASP A 165 33.97 6.32 0.82
N GLU A 166 33.60 7.62 0.91
CA GLU A 166 34.52 8.77 0.92
C GLU A 166 35.17 8.93 2.31
N TYR A 167 34.35 9.14 3.36
CA TYR A 167 34.76 9.30 4.75
C TYR A 167 33.57 8.99 5.66
#